data_3L31
#
_entry.id   3L31
#
_cell.length_a   58.960
_cell.length_b   79.610
_cell.length_c   116.360
_cell.angle_alpha   90.00
_cell.angle_beta   90.00
_cell.angle_gamma   90.00
#
_symmetry.space_group_name_H-M   'P 21 21 21'
#
loop_
_entity.id
_entity.type
_entity.pdbx_description
1 polymer 'Probable manganase-dependent inorganic pyrophosphatase'
2 non-polymer 'ADENOSINE MONOPHOSPHATE'
3 water water
#
_entity_poly.entity_id   1
_entity_poly.type   'polypeptide(L)'
_entity_poly.pdbx_seq_one_letter_code
;MVKLKVEDLEMDKIAPLAPEVSLKMAWNIMRDKNLKSIPVADGNNHLLGMLSTSNITATYMDIWDSNILAKSATSLDNIL
DTLSAEAQNINEERKVFPGKVVVAAMQAESLKEFISEGDIAIAGDRAEIQAELIELKVSLLIVTGGHTPSKEIIELAKKN
NITVITTPHDSFTASRLIVQSLPVDYVMTKDNLVAVSTDDLVEDVKVTMSETRYSNYPVIDENNKVVGSIARFHLISTHK
KKLEHHHHHHHH
;
_entity_poly.pdbx_strand_id   A,B
#
loop_
_chem_comp.id
_chem_comp.type
_chem_comp.name
_chem_comp.formula
AMP non-polymer 'ADENOSINE MONOPHOSPHATE' 'C10 H14 N5 O7 P'
#
# COMPACT_ATOMS: atom_id res chain seq x y z
N VAL A 2 1.78 47.05 11.61
CA VAL A 2 0.63 46.10 11.51
C VAL A 2 1.09 44.67 11.69
N LYS A 3 0.43 43.98 12.61
CA LYS A 3 0.57 42.53 12.76
C LYS A 3 0.43 41.81 11.39
N LEU A 4 1.10 40.67 11.28
CA LEU A 4 1.07 39.87 10.05
C LEU A 4 -0.19 38.98 9.93
N LYS A 5 -0.72 38.94 8.72
CA LYS A 5 -1.82 38.03 8.34
C LYS A 5 -1.29 36.85 7.51
N VAL A 6 -2.12 35.84 7.31
CA VAL A 6 -1.70 34.65 6.56
C VAL A 6 -1.21 34.95 5.13
N GLU A 7 -1.88 35.88 4.46
CA GLU A 7 -1.49 36.24 3.08
C GLU A 7 -0.11 36.89 3.02
N ASP A 8 0.34 37.39 4.16
CA ASP A 8 1.65 38.06 4.27
C ASP A 8 2.79 37.03 4.30
N LEU A 9 2.42 35.76 4.47
CA LEU A 9 3.38 34.66 4.51
C LEU A 9 3.67 34.12 3.14
N GLU A 10 4.67 33.23 3.08
CA GLU A 10 5.03 32.52 1.84
C GLU A 10 4.68 31.06 2.02
N MET A 11 3.68 30.60 1.28
CA MET A 11 3.10 29.28 1.51
C MET A 11 3.15 28.41 0.27
N ASP A 12 2.61 27.21 0.39
CA ASP A 12 2.49 26.29 -0.76
C ASP A 12 1.20 26.55 -1.55
N LYS A 13 1.37 27.20 -2.71
CA LYS A 13 0.27 27.55 -3.61
C LYS A 13 0.09 26.44 -4.59
N ILE A 14 -0.33 25.28 -4.12
CA ILE A 14 -0.50 24.15 -5.00
C ILE A 14 -1.99 23.98 -5.39
N ALA A 15 -2.24 23.58 -6.63
CA ALA A 15 -3.59 23.29 -7.05
C ALA A 15 -4.18 22.08 -6.27
N PRO A 16 -5.36 22.24 -5.69
CA PRO A 16 -6.03 21.13 -5.03
C PRO A 16 -6.34 20.01 -6.01
N LEU A 17 -6.41 18.78 -5.50
CA LEU A 17 -6.81 17.63 -6.29
C LEU A 17 -8.30 17.64 -6.54
N ALA A 18 -8.69 17.01 -7.63
CA ALA A 18 -10.10 16.71 -7.92
C ALA A 18 -10.47 15.42 -7.17
N PRO A 19 -11.71 15.31 -6.67
CA PRO A 19 -12.08 14.15 -5.80
C PRO A 19 -12.15 12.80 -6.50
N GLU A 20 -12.20 12.84 -7.82
CA GLU A 20 -12.32 11.61 -8.60
C GLU A 20 -10.96 11.02 -8.98
N VAL A 21 -9.84 11.69 -8.63
CA VAL A 21 -8.55 11.21 -9.11
C VAL A 21 -8.16 10.03 -8.25
N SER A 22 -7.33 9.17 -8.80
CA SER A 22 -6.93 7.90 -8.12
C SER A 22 -5.82 8.12 -7.13
N LEU A 23 -5.73 7.21 -6.15
CA LEU A 23 -4.67 7.24 -5.17
C LEU A 23 -3.36 7.30 -5.92
N LYS A 24 -3.27 6.54 -6.96
CA LYS A 24 -2.03 6.52 -7.75
C LYS A 24 -1.68 7.91 -8.31
N MET A 25 -2.64 8.55 -8.99
CA MET A 25 -2.42 9.90 -9.58
C MET A 25 -2.08 10.84 -8.43
N ALA A 26 -2.77 10.71 -7.33
CA ALA A 26 -2.54 11.61 -6.19
C ALA A 26 -1.12 11.50 -5.63
N TRP A 27 -0.67 10.25 -5.43
CA TRP A 27 0.63 9.99 -4.85
C TRP A 27 1.71 10.49 -5.81
N ASN A 28 1.50 10.31 -7.08
CA ASN A 28 2.52 10.86 -8.00
C ASN A 28 2.65 12.39 -7.86
N ILE A 29 1.51 13.10 -7.75
CA ILE A 29 1.49 14.55 -7.65
C ILE A 29 2.13 14.96 -6.36
N MET A 30 1.77 14.26 -5.29
CA MET A 30 2.34 14.55 -3.97
C MET A 30 3.83 14.26 -3.84
N ARG A 31 4.25 13.12 -4.36
CA ARG A 31 5.63 12.68 -4.17
C ARG A 31 6.55 13.67 -4.86
N ASP A 32 6.05 14.17 -5.99
CA ASP A 32 6.80 15.02 -6.91
C ASP A 32 6.87 16.47 -6.41
N LYS A 33 6.15 16.73 -5.33
CA LYS A 33 6.27 18.03 -4.67
C LYS A 33 6.74 17.86 -3.23
N ASN A 34 7.04 16.61 -2.90
CA ASN A 34 7.32 16.28 -1.53
C ASN A 34 6.25 16.89 -0.60
N LEU A 35 5.00 16.51 -0.84
CA LEU A 35 3.89 16.93 0.04
C LEU A 35 3.47 15.79 0.93
N LYS A 36 3.26 16.09 2.20
CA LYS A 36 2.74 15.08 3.13
C LYS A 36 1.25 15.03 3.14
N SER A 37 0.61 16.07 2.66
CA SER A 37 -0.87 16.10 2.56
C SER A 37 -1.24 17.14 1.53
N ILE A 38 -2.44 17.05 0.97
CA ILE A 38 -2.89 17.98 -0.06
C ILE A 38 -4.39 18.18 0.05
N PRO A 39 -4.88 19.39 -0.22
CA PRO A 39 -6.30 19.64 -0.25
C PRO A 39 -6.99 18.97 -1.42
N VAL A 40 -8.27 18.62 -1.20
CA VAL A 40 -9.18 18.24 -2.26
C VAL A 40 -10.28 19.32 -2.37
N ALA A 41 -10.58 19.74 -3.58
CA ALA A 41 -11.65 20.72 -3.81
C ALA A 41 -12.59 20.31 -4.92
N ASP A 42 -13.72 21.01 -5.04
CA ASP A 42 -14.73 20.69 -6.03
C ASP A 42 -14.49 21.50 -7.30
N GLY A 43 -15.37 21.37 -8.28
CA GLY A 43 -15.23 22.07 -9.54
C GLY A 43 -15.21 23.57 -9.43
N ASN A 44 -15.75 24.11 -8.33
CA ASN A 44 -15.77 25.56 -8.06
C ASN A 44 -14.62 25.95 -7.12
N ASN A 45 -13.76 24.98 -6.85
CA ASN A 45 -12.60 25.23 -6.02
C ASN A 45 -12.97 25.58 -4.56
N HIS A 46 -14.07 25.00 -4.07
CA HIS A 46 -14.40 25.00 -2.62
C HIS A 46 -13.91 23.72 -1.93
N LEU A 47 -13.47 23.88 -0.69
CA LEU A 47 -12.80 22.81 0.03
C LEU A 47 -13.71 21.62 0.28
N LEU A 48 -13.27 20.48 -0.19
CA LEU A 48 -13.94 19.24 0.13
C LEU A 48 -13.21 18.38 1.18
N GLY A 49 -11.88 18.46 1.28
CA GLY A 49 -11.20 17.46 2.09
C GLY A 49 -9.74 17.69 2.25
N MET A 50 -9.10 16.89 3.12
CA MET A 50 -7.66 16.75 3.10
C MET A 50 -7.29 15.33 2.87
N LEU A 51 -6.22 15.17 2.05
CA LEU A 51 -5.67 13.88 1.73
C LEU A 51 -4.25 13.77 2.22
N SER A 52 -4.04 12.89 3.19
CA SER A 52 -2.70 12.61 3.72
C SER A 52 -2.16 11.33 3.25
N THR A 53 -0.83 11.28 3.12
CA THR A 53 -0.12 10.04 2.83
C THR A 53 -0.57 9.00 3.84
N SER A 54 -0.94 9.40 5.06
CA SER A 54 -1.40 8.40 6.05
C SER A 54 -2.71 7.77 5.66
N ASN A 55 -3.58 8.57 5.08
CA ASN A 55 -4.81 8.04 4.50
C ASN A 55 -4.55 6.99 3.39
N ILE A 56 -3.71 7.34 2.44
CA ILE A 56 -3.31 6.39 1.40
C ILE A 56 -2.78 5.07 2.04
N THR A 57 -1.82 5.21 2.94
CA THR A 57 -1.23 4.07 3.57
C THR A 57 -2.28 3.22 4.34
N ALA A 58 -3.07 3.83 5.21
CA ALA A 58 -4.10 3.04 5.89
C ALA A 58 -4.93 2.25 4.88
N THR A 59 -5.17 2.81 3.71
CA THR A 59 -6.05 2.12 2.75
C THR A 59 -5.45 0.80 2.27
N TYR A 60 -4.14 0.76 2.13
N TYR A 60 -4.13 0.80 2.12
CA TYR A 60 -3.46 -0.48 1.75
CA TYR A 60 -3.39 -0.41 1.72
C TYR A 60 -3.34 -1.42 2.92
C TYR A 60 -3.23 -1.40 2.86
N MET A 61 -2.83 -0.89 4.02
CA MET A 61 -2.49 -1.74 5.19
C MET A 61 -3.70 -2.31 5.95
N ASP A 62 -4.89 -1.81 5.64
CA ASP A 62 -6.09 -2.13 6.44
C ASP A 62 -7.30 -2.40 5.55
N ILE A 63 -7.33 -3.59 4.96
CA ILE A 63 -8.49 -3.94 4.12
C ILE A 63 -8.87 -5.43 4.18
N TRP A 64 -9.99 -5.64 4.85
CA TRP A 64 -10.69 -6.92 4.77
C TRP A 64 -11.75 -6.79 3.66
N ASP A 65 -12.10 -5.54 3.37
CA ASP A 65 -13.35 -5.27 2.66
C ASP A 65 -13.24 -5.26 1.15
N SER A 66 -13.93 -6.17 0.48
CA SER A 66 -14.10 -6.01 -0.99
C SER A 66 -15.50 -5.50 -1.27
N ASN A 67 -15.72 -5.08 -2.50
CA ASN A 67 -16.88 -4.25 -2.78
C ASN A 67 -16.39 -2.86 -2.45
N ILE A 68 -15.13 -2.86 -2.04
CA ILE A 68 -14.36 -1.65 -1.90
C ILE A 68 -14.45 -0.88 -3.23
N LEU A 69 -14.36 -1.60 -4.35
CA LEU A 69 -14.46 -0.94 -5.68
C LEU A 69 -15.84 -0.36 -5.85
N ALA A 70 -16.81 -1.02 -5.22
CA ALA A 70 -18.19 -0.62 -5.24
C ALA A 70 -18.45 0.60 -4.36
N LYS A 71 -18.04 0.47 -3.11
CA LYS A 71 -18.24 1.51 -2.10
C LYS A 71 -17.56 2.79 -2.48
N SER A 72 -16.39 2.67 -3.10
CA SER A 72 -15.65 3.84 -3.57
C SER A 72 -16.16 4.34 -4.93
N ALA A 73 -17.03 3.56 -5.55
CA ALA A 73 -17.44 3.82 -6.93
C ALA A 73 -16.24 4.07 -7.85
N THR A 74 -15.26 3.22 -7.76
CA THR A 74 -14.09 3.39 -8.62
C THR A 74 -14.57 3.26 -10.06
N SER A 75 -14.05 4.15 -10.89
CA SER A 75 -14.43 4.21 -12.29
C SER A 75 -13.48 3.36 -13.11
N LEU A 76 -14.00 2.86 -14.22
CA LEU A 76 -13.22 2.10 -15.18
C LEU A 76 -11.96 2.86 -15.64
N ASP A 77 -12.04 4.20 -15.80
CA ASP A 77 -10.86 4.95 -16.29
C ASP A 77 -9.74 4.86 -15.29
N ASN A 78 -10.10 4.80 -14.01
CA ASN A 78 -9.10 4.73 -12.93
C ASN A 78 -8.35 3.38 -12.97
N ILE A 79 -9.11 2.32 -13.26
CA ILE A 79 -8.60 0.95 -13.33
C ILE A 79 -7.72 0.83 -14.57
N LEU A 80 -8.17 1.40 -15.68
CA LEU A 80 -7.35 1.26 -16.91
C LEU A 80 -6.02 1.96 -16.73
N ASP A 81 -6.06 3.17 -16.22
CA ASP A 81 -4.83 3.93 -15.93
C ASP A 81 -3.91 3.17 -14.97
N THR A 82 -4.45 2.70 -13.86
CA THR A 82 -3.66 2.01 -12.87
C THR A 82 -3.05 0.70 -13.35
N LEU A 83 -3.73 -0.02 -14.25
CA LEU A 83 -3.26 -1.31 -14.73
C LEU A 83 -2.55 -1.14 -16.12
N SER A 84 -2.34 0.09 -16.54
CA SER A 84 -1.88 0.36 -17.91
C SER A 84 -2.60 -0.55 -18.88
N ALA A 85 -3.92 -0.60 -18.77
CA ALA A 85 -4.68 -1.59 -19.50
C ALA A 85 -5.40 -0.98 -20.70
N GLU A 86 -5.97 -1.83 -21.53
CA GLU A 86 -6.84 -1.36 -22.57
C GLU A 86 -8.12 -2.17 -22.70
N ALA A 87 -9.23 -1.45 -22.89
CA ALA A 87 -10.58 -2.08 -23.00
C ALA A 87 -10.87 -2.69 -24.37
N GLN A 88 -11.37 -3.92 -24.36
CA GLN A 88 -11.86 -4.60 -25.58
C GLN A 88 -13.37 -4.49 -25.71
N ASN A 89 -14.06 -4.35 -24.58
CA ASN A 89 -15.50 -4.09 -24.56
C ASN A 89 -15.85 -3.41 -23.29
N ILE A 90 -16.72 -2.41 -23.38
CA ILE A 90 -17.17 -1.68 -22.21
C ILE A 90 -18.68 -1.74 -22.11
N ASN A 91 -19.16 -2.17 -20.94
CA ASN A 91 -20.58 -2.00 -20.63
C ASN A 91 -20.78 -0.54 -20.26
N GLU A 92 -21.28 0.21 -21.25
CA GLU A 92 -21.37 1.68 -21.15
C GLU A 92 -22.44 2.12 -20.18
N GLU A 93 -23.25 1.18 -19.70
CA GLU A 93 -24.34 1.54 -18.76
C GLU A 93 -24.04 1.13 -17.31
N ARG A 94 -22.93 0.44 -17.11
CA ARG A 94 -22.50 0.10 -15.76
C ARG A 94 -21.43 1.07 -15.29
N LYS A 95 -21.73 1.93 -14.33
CA LYS A 95 -20.64 2.78 -13.81
C LYS A 95 -19.87 2.10 -12.62
N VAL A 96 -20.59 1.22 -11.90
CA VAL A 96 -20.06 0.57 -10.70
C VAL A 96 -19.84 -0.95 -10.90
N PHE A 97 -18.73 -1.44 -10.38
CA PHE A 97 -18.40 -2.89 -10.34
C PHE A 97 -18.74 -3.38 -8.92
N PRO A 98 -19.79 -4.18 -8.82
CA PRO A 98 -20.38 -4.28 -7.46
C PRO A 98 -19.82 -5.38 -6.59
N GLY A 99 -19.03 -6.29 -7.16
CA GLY A 99 -18.72 -7.55 -6.46
C GLY A 99 -17.35 -7.59 -5.79
N LYS A 100 -16.72 -8.75 -5.70
CA LYS A 100 -15.33 -8.76 -5.17
C LYS A 100 -14.27 -9.09 -6.24
N VAL A 101 -13.02 -8.73 -5.98
CA VAL A 101 -11.92 -9.10 -6.88
C VAL A 101 -11.47 -10.51 -6.60
N VAL A 102 -11.48 -11.37 -7.61
CA VAL A 102 -11.04 -12.74 -7.46
C VAL A 102 -10.04 -13.14 -8.59
N VAL A 103 -8.91 -13.74 -8.23
CA VAL A 103 -8.02 -14.36 -9.21
C VAL A 103 -8.59 -15.71 -9.62
N ALA A 104 -9.02 -15.82 -10.87
CA ALA A 104 -9.60 -17.05 -11.37
C ALA A 104 -8.52 -18.14 -11.47
N ALA A 105 -8.10 -18.63 -10.33
CA ALA A 105 -7.01 -19.67 -10.23
C ALA A 105 -7.49 -21.03 -10.70
N MET A 106 -8.71 -21.35 -10.29
CA MET A 106 -9.32 -22.68 -10.56
C MET A 106 -9.46 -22.99 -12.07
N GLN A 107 -9.72 -24.26 -12.39
CA GLN A 107 -10.15 -24.69 -13.75
C GLN A 107 -11.64 -24.41 -13.97
N ALA A 108 -12.08 -24.56 -15.22
CA ALA A 108 -13.37 -23.98 -15.66
C ALA A 108 -14.56 -24.38 -14.77
N GLU A 109 -14.64 -25.67 -14.49
CA GLU A 109 -15.82 -26.29 -13.89
C GLU A 109 -16.10 -25.79 -12.48
N SER A 110 -15.06 -25.42 -11.75
CA SER A 110 -15.21 -25.06 -10.33
C SER A 110 -15.18 -23.54 -10.05
N LEU A 111 -15.21 -22.75 -11.12
CA LEU A 111 -15.24 -21.29 -11.02
C LEU A 111 -16.49 -20.81 -10.30
N LYS A 112 -17.61 -21.47 -10.55
CA LYS A 112 -18.91 -21.06 -9.94
C LYS A 112 -18.93 -21.10 -8.40
N GLU A 113 -17.96 -21.81 -7.81
CA GLU A 113 -17.90 -21.98 -6.36
C GLU A 113 -17.22 -20.79 -5.71
N PHE A 114 -16.61 -19.98 -6.54
CA PHE A 114 -15.80 -18.87 -6.08
C PHE A 114 -16.15 -17.52 -6.69
N ILE A 115 -16.77 -17.55 -7.85
CA ILE A 115 -16.99 -16.31 -8.60
C ILE A 115 -18.47 -16.13 -8.82
N SER A 116 -18.96 -14.98 -8.42
CA SER A 116 -20.38 -14.66 -8.53
C SER A 116 -20.60 -13.54 -9.52
N GLU A 117 -21.88 -13.35 -9.85
CA GLU A 117 -22.33 -12.29 -10.73
C GLU A 117 -21.90 -10.96 -10.13
N GLY A 118 -21.28 -10.11 -10.96
CA GLY A 118 -20.91 -8.76 -10.50
C GLY A 118 -19.46 -8.68 -10.01
N ASP A 119 -18.81 -9.84 -9.95
CA ASP A 119 -17.40 -9.94 -9.51
C ASP A 119 -16.45 -9.41 -10.56
N ILE A 120 -15.29 -9.04 -10.08
CA ILE A 120 -14.14 -8.65 -10.90
C ILE A 120 -13.16 -9.78 -10.93
N ALA A 121 -12.99 -10.39 -12.09
CA ALA A 121 -12.21 -11.60 -12.21
C ALA A 121 -10.93 -11.30 -13.01
N ILE A 122 -9.82 -11.78 -12.49
CA ILE A 122 -8.49 -11.66 -13.09
C ILE A 122 -8.12 -13.03 -13.63
N ALA A 123 -8.09 -13.16 -14.95
CA ALA A 123 -7.88 -14.44 -15.61
C ALA A 123 -6.69 -14.39 -16.53
N GLY A 124 -6.17 -15.57 -16.91
CA GLY A 124 -5.12 -15.68 -17.96
C GLY A 124 -5.64 -15.89 -19.39
N ASP A 125 -4.74 -16.42 -20.24
CA ASP A 125 -4.87 -16.44 -21.70
C ASP A 125 -5.64 -17.67 -22.15
N ARG A 126 -6.56 -18.15 -21.34
CA ARG A 126 -7.35 -19.32 -21.73
C ARG A 126 -8.81 -19.01 -22.10
N ALA A 127 -9.16 -19.29 -23.34
CA ALA A 127 -10.47 -18.97 -23.85
C ALA A 127 -11.58 -19.63 -23.07
N GLU A 128 -11.30 -20.81 -22.53
CA GLU A 128 -12.33 -21.59 -21.83
C GLU A 128 -12.66 -20.85 -20.56
N ILE A 129 -11.63 -20.44 -19.85
CA ILE A 129 -11.84 -19.74 -18.59
C ILE A 129 -12.64 -18.44 -18.79
N GLN A 130 -12.21 -17.66 -19.76
CA GLN A 130 -12.81 -16.37 -20.06
C GLN A 130 -14.31 -16.50 -20.42
N ALA A 131 -14.64 -17.53 -21.20
CA ALA A 131 -16.02 -17.79 -21.63
C ALA A 131 -16.87 -18.14 -20.43
N GLU A 132 -16.33 -18.95 -19.53
CA GLU A 132 -17.10 -19.30 -18.34
C GLU A 132 -17.27 -18.04 -17.47
N LEU A 133 -16.22 -17.21 -17.35
CA LEU A 133 -16.37 -16.00 -16.49
C LEU A 133 -17.48 -15.08 -17.07
N ILE A 134 -17.54 -15.05 -18.39
CA ILE A 134 -18.56 -14.27 -19.08
C ILE A 134 -19.94 -14.83 -18.78
N GLU A 135 -20.10 -16.14 -18.91
CA GLU A 135 -21.38 -16.83 -18.64
C GLU A 135 -21.81 -16.62 -17.19
N LEU A 136 -20.85 -16.47 -16.29
CA LEU A 136 -21.16 -16.17 -14.89
C LEU A 136 -21.45 -14.66 -14.66
N LYS A 137 -21.21 -13.80 -15.66
CA LYS A 137 -21.67 -12.42 -15.57
C LYS A 137 -20.90 -11.66 -14.54
N VAL A 138 -19.58 -11.78 -14.67
CA VAL A 138 -18.68 -10.92 -13.94
C VAL A 138 -18.96 -9.51 -14.44
N SER A 139 -18.71 -8.51 -13.61
CA SER A 139 -18.95 -7.14 -14.01
C SER A 139 -17.69 -6.66 -14.79
N LEU A 140 -16.59 -7.37 -14.58
CA LEU A 140 -15.35 -6.96 -15.21
C LEU A 140 -14.45 -8.12 -15.33
N LEU A 141 -13.96 -8.38 -16.54
CA LEU A 141 -12.97 -9.41 -16.80
C LEU A 141 -11.64 -8.74 -17.11
N ILE A 142 -10.62 -9.06 -16.32
CA ILE A 142 -9.31 -8.52 -16.47
C ILE A 142 -8.37 -9.64 -16.90
N VAL A 143 -7.86 -9.50 -18.10
CA VAL A 143 -7.06 -10.53 -18.68
C VAL A 143 -5.62 -10.10 -18.56
N THR A 144 -4.79 -11.04 -18.11
CA THR A 144 -3.42 -10.72 -17.71
C THR A 144 -2.42 -10.92 -18.83
N GLY A 145 -1.17 -10.67 -18.53
CA GLY A 145 -0.06 -11.02 -19.43
C GLY A 145 0.01 -10.32 -20.78
N GLY A 146 -0.84 -9.33 -21.00
CA GLY A 146 -0.84 -8.63 -22.29
C GLY A 146 -1.55 -9.41 -23.39
N HIS A 147 -2.12 -10.57 -23.04
CA HIS A 147 -2.81 -11.46 -24.01
C HIS A 147 -4.25 -11.10 -24.39
N THR A 148 -4.36 -10.08 -25.23
CA THR A 148 -5.65 -9.63 -25.78
C THR A 148 -6.47 -10.83 -26.23
N PRO A 149 -7.72 -10.97 -25.74
CA PRO A 149 -8.55 -12.12 -26.06
C PRO A 149 -8.97 -12.18 -27.53
N SER A 150 -9.27 -13.39 -27.98
CA SER A 150 -9.76 -13.61 -29.35
C SER A 150 -11.05 -12.87 -29.66
N LYS A 151 -11.30 -12.67 -30.95
CA LYS A 151 -12.57 -12.09 -31.37
C LYS A 151 -13.82 -12.81 -30.83
N GLU A 152 -13.76 -14.14 -30.74
CA GLU A 152 -14.94 -14.94 -30.31
C GLU A 152 -15.34 -14.57 -28.90
N ILE A 153 -14.36 -14.49 -28.03
CA ILE A 153 -14.59 -14.10 -26.63
C ILE A 153 -15.09 -12.67 -26.55
N ILE A 154 -14.49 -11.78 -27.32
CA ILE A 154 -14.92 -10.39 -27.34
C ILE A 154 -16.39 -10.23 -27.80
N GLU A 155 -16.78 -11.00 -28.83
CA GLU A 155 -18.17 -10.92 -29.36
C GLU A 155 -19.15 -11.47 -28.31
N LEU A 156 -18.70 -12.47 -27.54
CA LEU A 156 -19.52 -13.01 -26.43
C LEU A 156 -19.73 -11.95 -25.30
N ALA A 157 -18.70 -11.12 -25.08
CA ALA A 157 -18.77 -10.03 -24.11
C ALA A 157 -19.71 -8.94 -24.62
N LYS A 158 -19.62 -8.65 -25.91
CA LYS A 158 -20.58 -7.73 -26.58
C LYS A 158 -22.03 -8.17 -26.37
N LYS A 159 -22.25 -9.41 -26.72
CA LYS A 159 -23.59 -10.03 -26.61
C LYS A 159 -24.17 -9.87 -25.20
N ASN A 160 -23.33 -10.10 -24.20
CA ASN A 160 -23.75 -10.19 -22.80
C ASN A 160 -23.53 -8.93 -22.01
N ASN A 161 -22.91 -7.95 -22.67
CA ASN A 161 -22.57 -6.64 -22.08
C ASN A 161 -21.64 -6.73 -20.89
N ILE A 162 -20.56 -7.51 -21.04
CA ILE A 162 -19.50 -7.64 -20.05
C ILE A 162 -18.29 -6.77 -20.41
N THR A 163 -17.88 -5.96 -19.45
CA THR A 163 -16.68 -5.14 -19.63
C THR A 163 -15.47 -6.05 -19.53
N VAL A 164 -14.58 -5.98 -20.52
CA VAL A 164 -13.41 -6.80 -20.59
C VAL A 164 -12.20 -5.91 -20.87
N ILE A 165 -11.12 -6.12 -20.13
CA ILE A 165 -9.93 -5.33 -20.39
C ILE A 165 -8.71 -6.22 -20.26
N THR A 166 -7.59 -5.78 -20.89
CA THR A 166 -6.29 -6.46 -20.87
C THR A 166 -5.18 -5.57 -20.26
N THR A 167 -4.42 -6.13 -19.32
CA THR A 167 -3.24 -5.47 -18.73
C THR A 167 -1.96 -6.24 -19.11
N PRO A 168 -0.82 -5.56 -19.22
CA PRO A 168 0.39 -6.36 -19.48
C PRO A 168 0.87 -7.11 -18.19
N HIS A 169 0.42 -6.65 -17.03
CA HIS A 169 0.87 -7.26 -15.79
C HIS A 169 0.33 -8.69 -15.58
N ASP A 170 1.02 -9.42 -14.70
CA ASP A 170 0.61 -10.78 -14.31
C ASP A 170 -0.45 -10.73 -13.17
N SER A 171 -1.09 -11.83 -12.81
CA SER A 171 -2.12 -11.75 -11.72
C SER A 171 -1.61 -11.18 -10.39
N PHE A 172 -0.42 -11.57 -9.96
CA PHE A 172 0.09 -11.06 -8.70
C PHE A 172 0.18 -9.56 -8.76
N THR A 173 0.81 -9.06 -9.82
CA THR A 173 1.11 -7.62 -9.94
C THR A 173 -0.23 -6.87 -10.02
N ALA A 174 -1.15 -7.42 -10.82
CA ALA A 174 -2.41 -6.74 -11.06
C ALA A 174 -3.20 -6.68 -9.73
N SER A 175 -3.01 -7.70 -8.90
CA SER A 175 -3.67 -7.78 -7.57
C SER A 175 -3.10 -6.67 -6.66
N ARG A 176 -1.77 -6.41 -6.73
CA ARG A 176 -1.15 -5.37 -5.89
C ARG A 176 -1.53 -3.98 -6.35
N LEU A 177 -1.75 -3.83 -7.65
CA LEU A 177 -1.93 -2.51 -8.25
C LEU A 177 -3.36 -2.00 -8.04
N ILE A 178 -4.30 -2.91 -8.23
CA ILE A 178 -5.70 -2.48 -8.43
C ILE A 178 -6.28 -1.54 -7.36
N VAL A 179 -5.77 -1.68 -6.14
CA VAL A 179 -6.27 -0.83 -5.05
C VAL A 179 -5.78 0.64 -5.16
N GLN A 180 -4.81 0.88 -6.04
CA GLN A 180 -4.36 2.22 -6.37
C GLN A 180 -5.31 3.02 -7.22
N SER A 181 -6.35 2.34 -7.67
CA SER A 181 -7.36 2.90 -8.56
C SER A 181 -8.30 3.82 -7.83
N LEU A 182 -8.42 3.59 -6.53
CA LEU A 182 -9.47 4.23 -5.73
C LEU A 182 -9.46 5.75 -5.83
N PRO A 183 -10.65 6.37 -5.87
CA PRO A 183 -10.67 7.82 -5.92
C PRO A 183 -10.34 8.44 -4.58
N VAL A 184 -9.69 9.61 -4.61
CA VAL A 184 -9.26 10.27 -3.35
C VAL A 184 -10.42 10.51 -2.43
N ASP A 185 -11.57 10.81 -3.00
CA ASP A 185 -12.69 11.22 -2.14
C ASP A 185 -13.22 10.10 -1.23
N TYR A 186 -12.94 8.85 -1.57
CA TYR A 186 -13.29 7.73 -0.66
C TYR A 186 -12.34 7.61 0.55
N VAL A 187 -11.17 8.20 0.42
CA VAL A 187 -10.07 7.97 1.38
C VAL A 187 -9.72 9.24 2.16
N MET A 188 -10.05 10.40 1.65
CA MET A 188 -9.66 11.65 2.26
C MET A 188 -10.45 11.92 3.50
N THR A 189 -9.89 12.75 4.38
CA THR A 189 -10.69 13.29 5.45
C THR A 189 -11.63 14.41 4.97
N LYS A 190 -12.89 14.31 5.38
CA LYS A 190 -14.01 15.21 5.02
C LYS A 190 -14.55 15.99 6.21
N ASP A 191 -14.41 15.42 7.41
CA ASP A 191 -14.97 16.04 8.62
C ASP A 191 -13.94 16.81 9.43
N ASN A 192 -14.43 17.83 10.09
CA ASN A 192 -13.66 18.53 11.07
C ASN A 192 -12.36 19.05 10.48
N LEU A 193 -12.52 19.68 9.34
CA LEU A 193 -11.39 20.25 8.58
C LEU A 193 -10.93 21.50 9.23
N VAL A 194 -9.67 21.54 9.60
CA VAL A 194 -9.12 22.78 10.17
C VAL A 194 -8.45 23.59 9.02
N ALA A 195 -9.15 24.63 8.60
CA ALA A 195 -8.69 25.51 7.52
C ALA A 195 -8.26 26.87 8.05
N VAL A 196 -7.57 27.62 7.21
CA VAL A 196 -7.06 28.91 7.65
C VAL A 196 -7.37 29.95 6.58
N SER A 197 -7.74 31.17 6.99
CA SER A 197 -8.11 32.28 6.05
C SER A 197 -6.93 33.16 5.69
N THR A 198 -6.96 33.67 4.47
CA THR A 198 -5.90 34.58 4.03
C THR A 198 -5.71 35.74 5.03
N ASP A 199 -6.79 36.10 5.70
CA ASP A 199 -6.78 37.28 6.54
C ASP A 199 -6.66 37.02 8.05
N ASP A 200 -6.49 35.77 8.46
CA ASP A 200 -6.31 35.47 9.89
C ASP A 200 -4.95 35.99 10.29
N LEU A 201 -4.85 36.47 11.53
CA LEU A 201 -3.57 36.93 12.08
C LEU A 201 -2.68 35.75 12.32
N VAL A 202 -1.44 35.87 11.89
CA VAL A 202 -0.45 34.81 12.13
C VAL A 202 -0.44 34.30 13.59
N GLU A 203 -0.58 35.23 14.52
CA GLU A 203 -0.59 34.91 15.96
C GLU A 203 -1.81 34.07 16.32
N ASP A 204 -2.89 34.19 15.56
CA ASP A 204 -4.11 33.38 15.81
C ASP A 204 -3.92 31.96 15.27
N VAL A 205 -3.43 31.90 14.04
CA VAL A 205 -3.14 30.64 13.38
C VAL A 205 -2.20 29.81 14.27
N LYS A 206 -1.22 30.49 14.82
CA LYS A 206 -0.28 29.83 15.76
C LYS A 206 -1.05 29.02 16.80
N VAL A 207 -1.95 29.70 17.49
CA VAL A 207 -2.76 29.06 18.51
C VAL A 207 -3.46 27.85 17.91
N THR A 208 -4.25 28.12 16.88
CA THR A 208 -5.03 27.06 16.19
C THR A 208 -4.18 25.83 15.81
N MET A 209 -3.00 26.07 15.25
CA MET A 209 -2.10 25.00 14.86
C MET A 209 -1.62 24.17 16.05
N SER A 210 -1.51 24.78 17.23
CA SER A 210 -0.95 24.03 18.38
C SER A 210 -2.00 23.11 19.00
N GLU A 211 -3.23 23.29 18.58
CA GLU A 211 -4.37 22.50 19.09
C GLU A 211 -4.41 21.09 18.48
N THR A 212 -3.82 20.96 17.29
CA THR A 212 -3.80 19.70 16.53
C THR A 212 -2.42 19.39 15.97
N ARG A 213 -2.27 18.24 15.34
CA ARG A 213 -0.96 17.79 14.90
C ARG A 213 -0.84 17.58 13.40
N TYR A 214 -1.71 18.23 12.64
CA TYR A 214 -1.74 18.03 11.17
C TYR A 214 -0.53 18.62 10.43
N SER A 215 -0.08 17.93 9.40
CA SER A 215 1.08 18.41 8.64
C SER A 215 0.76 19.73 7.98
N ASN A 216 -0.40 19.81 7.35
CA ASN A 216 -0.79 21.01 6.62
C ASN A 216 -2.24 21.46 6.88
N TYR A 217 -2.46 22.77 6.69
CA TYR A 217 -3.77 23.40 6.83
C TYR A 217 -4.08 24.16 5.56
N PRO A 218 -5.22 23.84 4.93
CA PRO A 218 -5.62 24.56 3.74
C PRO A 218 -5.92 25.98 4.04
N VAL A 219 -5.50 26.83 3.09
CA VAL A 219 -5.68 28.28 3.19
C VAL A 219 -6.76 28.65 2.26
N ILE A 220 -7.77 29.36 2.76
CA ILE A 220 -8.91 29.75 1.93
C ILE A 220 -9.06 31.27 1.90
N ASP A 221 -9.41 31.78 0.72
CA ASP A 221 -9.45 33.22 0.56
C ASP A 221 -10.80 33.74 1.05
N GLU A 222 -11.02 35.04 0.90
CA GLU A 222 -12.19 35.67 1.52
C GLU A 222 -13.47 35.31 0.78
N ASN A 223 -13.34 34.74 -0.41
CA ASN A 223 -14.47 34.20 -1.20
C ASN A 223 -14.67 32.70 -1.03
N ASN A 224 -14.05 32.19 0.02
CA ASN A 224 -14.12 30.76 0.37
C ASN A 224 -13.44 29.80 -0.56
N LYS A 225 -12.53 30.29 -1.38
CA LYS A 225 -11.83 29.43 -2.36
C LYS A 225 -10.47 28.99 -1.82
N VAL A 226 -10.15 27.75 -2.13
CA VAL A 226 -8.86 27.16 -1.75
C VAL A 226 -7.71 27.78 -2.52
N VAL A 227 -6.78 28.36 -1.78
CA VAL A 227 -5.69 29.08 -2.41
C VAL A 227 -4.38 28.36 -2.30
N GLY A 228 -4.34 27.41 -1.39
CA GLY A 228 -3.13 26.65 -1.08
C GLY A 228 -3.18 26.00 0.29
N SER A 229 -1.99 25.83 0.89
CA SER A 229 -1.89 25.34 2.25
C SER A 229 -0.64 25.81 3.00
N ILE A 230 -0.72 25.72 4.31
CA ILE A 230 0.33 26.20 5.18
C ILE A 230 0.79 25.16 6.19
N ALA A 231 2.06 25.23 6.55
CA ALA A 231 2.54 24.37 7.64
C ALA A 231 3.23 25.20 8.69
N ARG A 232 3.42 24.60 9.85
CA ARG A 232 4.15 25.19 10.96
C ARG A 232 5.44 25.83 10.43
N PHE A 233 5.99 25.21 9.39
CA PHE A 233 7.28 25.61 8.81
C PHE A 233 7.26 26.99 8.16
N HIS A 234 6.08 27.46 7.78
CA HIS A 234 5.94 28.73 7.09
C HIS A 234 5.75 29.82 8.14
N LEU A 235 5.91 29.41 9.39
CA LEU A 235 5.84 30.32 10.55
C LEU A 235 7.21 30.50 11.20
N LEU B 4 16.43 27.51 27.86
CA LEU B 4 15.64 26.24 27.78
C LEU B 4 16.39 25.11 27.02
N LYS B 5 16.69 24.01 27.72
CA LYS B 5 17.35 22.83 27.06
C LYS B 5 16.34 21.82 26.42
N VAL B 6 16.75 21.16 25.34
CA VAL B 6 15.86 20.16 24.68
C VAL B 6 15.20 19.20 25.66
N GLU B 7 15.98 18.74 26.63
CA GLU B 7 15.49 17.83 27.67
C GLU B 7 14.38 18.46 28.48
N ASP B 8 14.40 19.79 28.59
CA ASP B 8 13.43 20.50 29.43
C ASP B 8 12.05 20.24 28.83
N LEU B 9 11.94 20.47 27.53
CA LEU B 9 10.71 20.25 26.77
C LEU B 9 10.06 18.90 27.00
N GLU B 10 8.81 18.83 26.58
CA GLU B 10 7.99 17.61 26.70
C GLU B 10 7.82 16.99 25.32
N MET B 11 8.04 15.70 25.21
CA MET B 11 8.15 15.07 23.90
C MET B 11 7.40 13.75 23.82
N ASP B 12 7.46 13.12 22.64
CA ASP B 12 6.99 11.74 22.45
C ASP B 12 8.06 10.80 22.98
N LYS B 13 7.74 10.02 24.00
CA LYS B 13 8.71 9.09 24.60
C LYS B 13 8.55 7.69 24.03
N ILE B 14 8.46 7.62 22.71
CA ILE B 14 8.09 6.37 22.05
C ILE B 14 9.24 5.37 21.86
N ALA B 15 9.03 4.13 22.27
CA ALA B 15 10.04 3.08 22.09
C ALA B 15 10.38 2.87 20.59
N PRO B 16 11.67 2.90 20.26
CA PRO B 16 12.15 2.71 18.90
C PRO B 16 11.81 1.34 18.32
N LEU B 17 11.71 1.28 16.99
CA LEU B 17 11.46 0.02 16.30
C LEU B 17 12.74 -0.77 16.14
N ALA B 18 12.64 -2.08 16.32
CA ALA B 18 13.72 -3.01 15.98
C ALA B 18 13.78 -3.18 14.46
N PRO B 19 14.99 -3.27 13.88
CA PRO B 19 15.07 -3.12 12.43
C PRO B 19 14.54 -4.30 11.61
N GLU B 20 14.26 -5.40 12.30
CA GLU B 20 13.73 -6.57 11.60
C GLU B 20 12.18 -6.54 11.58
N VAL B 21 11.55 -5.63 12.30
CA VAL B 21 10.08 -5.61 12.36
C VAL B 21 9.52 -5.41 10.94
N SER B 22 8.36 -6.02 10.66
CA SER B 22 7.67 -5.87 9.35
C SER B 22 6.97 -4.52 9.22
N LEU B 23 6.62 -4.17 8.00
CA LEU B 23 5.88 -2.91 7.73
C LEU B 23 4.54 -2.93 8.39
N LYS B 24 3.92 -4.08 8.36
CA LYS B 24 2.62 -4.27 9.03
C LYS B 24 2.78 -3.91 10.50
N MET B 25 3.56 -4.68 11.23
CA MET B 25 3.75 -4.44 12.68
C MET B 25 4.15 -2.97 12.90
N ALA B 26 4.92 -2.40 11.99
CA ALA B 26 5.42 -1.03 12.22
C ALA B 26 4.29 -0.05 12.08
N TRP B 27 3.51 -0.23 11.04
CA TRP B 27 2.34 0.59 10.84
C TRP B 27 1.34 0.49 12.00
N ASN B 28 1.14 -0.70 12.55
CA ASN B 28 0.22 -0.84 13.72
C ASN B 28 0.63 0.02 14.93
N ILE B 29 1.94 0.03 15.23
CA ILE B 29 2.51 0.79 16.35
C ILE B 29 2.39 2.29 16.09
N MET B 30 2.70 2.69 14.87
CA MET B 30 2.56 4.10 14.48
C MET B 30 1.10 4.51 14.45
N ARG B 31 0.26 3.70 13.82
CA ARG B 31 -1.16 4.05 13.64
C ARG B 31 -1.80 4.31 15.00
N ASP B 32 -1.38 3.51 15.99
CA ASP B 32 -2.04 3.46 17.31
C ASP B 32 -1.46 4.49 18.27
N LYS B 33 -0.31 5.04 17.90
CA LYS B 33 0.25 6.17 18.64
C LYS B 33 0.19 7.45 17.80
N ASN B 34 -0.50 7.34 16.67
CA ASN B 34 -0.69 8.47 15.74
C ASN B 34 0.62 9.16 15.29
N LEU B 35 1.51 8.38 14.70
CA LEU B 35 2.88 8.84 14.44
C LEU B 35 3.11 8.98 12.96
N LYS B 36 3.68 10.11 12.58
CA LYS B 36 4.00 10.34 11.15
C LYS B 36 5.28 9.59 10.83
N SER B 37 6.11 9.42 11.83
CA SER B 37 7.41 8.79 11.65
C SER B 37 7.93 8.27 12.99
N ILE B 38 8.89 7.36 12.93
CA ILE B 38 9.43 6.77 14.15
C ILE B 38 10.87 6.33 14.00
N PRO B 39 11.68 6.47 15.07
CA PRO B 39 13.07 5.99 15.07
C PRO B 39 13.16 4.50 15.02
N VAL B 40 14.22 4.03 14.35
CA VAL B 40 14.61 2.64 14.39
C VAL B 40 15.95 2.56 15.09
N ALA B 41 16.08 1.63 16.03
CA ALA B 41 17.32 1.46 16.78
C ALA B 41 17.70 0.01 17.00
N ASP B 42 18.99 -0.19 17.26
CA ASP B 42 19.56 -1.52 17.44
C ASP B 42 19.28 -2.01 18.86
N GLY B 43 19.82 -3.17 19.20
CA GLY B 43 19.48 -3.84 20.43
C GLY B 43 20.13 -3.23 21.65
N ASN B 44 20.92 -2.16 21.46
CA ASN B 44 21.53 -1.36 22.53
C ASN B 44 20.99 0.04 22.51
N ASN B 45 19.92 0.21 21.79
CA ASN B 45 19.24 1.46 21.72
C ASN B 45 20.07 2.58 21.08
N HIS B 46 21.00 2.20 20.20
CA HIS B 46 21.67 3.21 19.33
C HIS B 46 20.93 3.39 18.01
N LEU B 47 20.86 4.63 17.56
CA LEU B 47 20.06 5.01 16.41
C LEU B 47 20.51 4.36 15.11
N LEU B 48 19.57 3.74 14.41
CA LEU B 48 19.85 3.13 13.10
C LEU B 48 19.18 3.90 11.94
N GLY B 49 17.97 4.39 12.17
CA GLY B 49 17.27 5.17 11.15
C GLY B 49 15.93 5.76 11.55
N MET B 50 15.30 6.43 10.57
CA MET B 50 13.99 6.98 10.73
C MET B 50 13.07 6.35 9.73
N LEU B 51 11.88 5.98 10.19
CA LEU B 51 10.89 5.41 9.32
C LEU B 51 9.63 6.24 9.27
N SER B 52 9.33 6.73 8.09
CA SER B 52 8.10 7.51 7.80
C SER B 52 7.07 6.71 7.10
N THR B 53 5.84 7.17 7.25
CA THR B 53 4.73 6.62 6.48
C THR B 53 5.01 6.88 4.99
N SER B 54 5.78 7.91 4.66
CA SER B 54 6.06 8.09 3.23
C SER B 54 6.89 6.94 2.69
N ASN B 55 7.73 6.36 3.54
CA ASN B 55 8.66 5.34 3.11
C ASN B 55 7.90 4.05 2.92
N ILE B 56 6.88 3.87 3.75
CA ILE B 56 5.98 2.71 3.64
C ILE B 56 5.13 2.83 2.39
N THR B 57 4.44 3.96 2.27
CA THR B 57 3.62 4.19 1.10
C THR B 57 4.40 4.03 -0.22
N ALA B 58 5.50 4.78 -0.34
CA ALA B 58 6.36 4.64 -1.54
C ALA B 58 6.65 3.18 -1.85
N THR B 59 6.79 2.37 -0.81
CA THR B 59 7.12 0.96 -1.02
C THR B 59 5.96 0.21 -1.66
N TYR B 60 4.73 0.61 -1.34
N TYR B 60 4.74 0.61 -1.34
CA TYR B 60 3.54 -0.08 -1.85
CA TYR B 60 3.56 -0.07 -1.88
C TYR B 60 3.19 0.43 -3.23
C TYR B 60 3.23 0.43 -3.25
N MET B 61 3.26 1.74 -3.41
CA MET B 61 2.87 2.38 -4.70
C MET B 61 3.88 2.07 -5.82
N ASP B 62 5.08 2.64 -5.66
CA ASP B 62 6.23 2.46 -6.57
C ASP B 62 6.97 1.10 -6.39
N ILE B 63 6.35 -0.01 -6.77
CA ILE B 63 7.13 -1.26 -6.80
C ILE B 63 6.83 -2.13 -8.00
N TRP B 64 7.87 -2.30 -8.78
CA TRP B 64 7.87 -3.27 -9.87
C TRP B 64 8.70 -4.49 -9.44
N ASP B 65 9.69 -4.16 -8.60
CA ASP B 65 10.88 -4.97 -8.40
C ASP B 65 10.60 -6.27 -7.65
N SER B 66 10.25 -7.38 -8.32
CA SER B 66 10.19 -8.63 -7.52
C SER B 66 11.60 -9.17 -7.37
N ASN B 67 11.72 -10.18 -6.53
CA ASN B 67 13.00 -10.45 -5.87
C ASN B 67 13.16 -9.49 -4.70
N ILE B 68 12.13 -8.68 -4.53
CA ILE B 68 11.99 -7.70 -3.41
C ILE B 68 12.09 -8.41 -2.09
N LEU B 69 11.47 -9.59 -2.02
CA LEU B 69 11.56 -10.43 -0.84
C LEU B 69 13.02 -10.83 -0.64
N ALA B 70 13.73 -11.04 -1.74
CA ALA B 70 15.14 -11.42 -1.68
C ALA B 70 15.99 -10.22 -1.27
N LYS B 71 15.93 -9.17 -2.07
CA LYS B 71 16.76 -7.98 -1.84
C LYS B 71 16.70 -7.59 -0.38
N SER B 72 15.53 -7.76 0.23
CA SER B 72 15.30 -7.26 1.59
C SER B 72 15.55 -8.28 2.71
N ALA B 73 15.97 -9.47 2.33
CA ALA B 73 16.14 -10.58 3.28
C ALA B 73 14.92 -10.73 4.19
N THR B 74 13.73 -10.67 3.57
CA THR B 74 12.49 -10.85 4.32
C THR B 74 12.47 -12.24 4.89
N SER B 75 12.18 -12.33 6.18
CA SER B 75 12.19 -13.62 6.88
C SER B 75 10.80 -14.25 6.88
N LEU B 76 10.79 -15.53 7.20
CA LEU B 76 9.58 -16.32 7.10
C LEU B 76 8.63 -16.00 8.25
N ASP B 77 9.16 -15.57 9.37
CA ASP B 77 8.27 -15.27 10.49
C ASP B 77 7.44 -14.05 10.15
N ASN B 78 8.08 -13.15 9.44
CA ASN B 78 7.42 -11.97 8.94
C ASN B 78 6.27 -12.30 7.96
N ILE B 79 6.49 -13.25 7.06
CA ILE B 79 5.49 -13.69 6.08
C ILE B 79 4.38 -14.44 6.81
N LEU B 80 4.75 -15.27 7.77
CA LEU B 80 3.75 -16.03 8.54
C LEU B 80 2.76 -15.09 9.25
N ASP B 81 3.33 -14.09 9.92
CA ASP B 81 2.54 -13.08 10.66
C ASP B 81 1.59 -12.32 9.72
N THR B 82 2.18 -11.74 8.71
CA THR B 82 1.45 -10.95 7.80
C THR B 82 0.32 -11.71 7.17
N LEU B 83 0.54 -12.98 6.87
CA LEU B 83 -0.46 -13.77 6.17
C LEU B 83 -1.35 -14.59 7.12
N SER B 84 -1.15 -14.37 8.40
CA SER B 84 -1.82 -15.17 9.41
C SER B 84 -1.70 -16.65 9.12
N ALA B 85 -0.50 -17.05 8.71
CA ALA B 85 -0.25 -18.39 8.15
C ALA B 85 0.34 -19.38 9.13
N GLU B 86 0.21 -20.66 8.81
CA GLU B 86 0.93 -21.77 9.48
C GLU B 86 1.81 -22.56 8.52
N ALA B 87 2.97 -22.92 9.05
CA ALA B 87 3.98 -23.70 8.34
C ALA B 87 3.70 -25.15 8.55
N GLN B 88 3.68 -25.90 7.46
CA GLN B 88 3.56 -27.37 7.50
C GLN B 88 4.91 -28.06 7.34
N ASN B 89 5.82 -27.43 6.60
CA ASN B 89 7.26 -27.79 6.59
C ASN B 89 8.11 -26.57 6.51
N ILE B 90 9.31 -26.63 7.06
CA ILE B 90 10.22 -25.49 7.00
C ILE B 90 11.64 -25.90 6.61
N ASN B 91 12.15 -25.37 5.50
CA ASN B 91 13.59 -25.48 5.27
C ASN B 91 14.35 -24.57 6.23
N GLU B 92 14.90 -25.20 7.27
CA GLU B 92 15.52 -24.50 8.41
C GLU B 92 16.92 -24.03 8.09
N GLU B 93 17.40 -24.34 6.89
CA GLU B 93 18.74 -23.88 6.49
C GLU B 93 18.67 -22.84 5.36
N ARG B 94 17.55 -22.17 5.29
CA ARG B 94 17.37 -21.17 4.25
C ARG B 94 16.74 -19.98 4.91
N LYS B 95 17.42 -18.87 4.89
CA LYS B 95 16.85 -17.69 5.51
C LYS B 95 16.11 -16.84 4.48
N VAL B 96 16.44 -17.05 3.22
CA VAL B 96 16.05 -16.15 2.14
C VAL B 96 15.25 -16.86 1.03
N PHE B 97 14.26 -16.16 0.52
CA PHE B 97 13.46 -16.65 -0.62
C PHE B 97 13.86 -15.82 -1.85
N PRO B 98 14.52 -16.46 -2.83
CA PRO B 98 15.21 -15.59 -3.79
C PRO B 98 14.47 -15.28 -5.09
N GLY B 99 13.45 -16.02 -5.42
CA GLY B 99 12.80 -15.79 -6.72
C GLY B 99 11.73 -14.69 -6.69
N LYS B 100 10.80 -14.82 -7.63
CA LYS B 100 9.65 -13.90 -7.71
C LYS B 100 8.36 -14.51 -7.15
N VAL B 101 7.45 -13.66 -6.76
CA VAL B 101 6.13 -14.15 -6.35
C VAL B 101 5.29 -14.32 -7.61
N VAL B 102 4.72 -15.50 -7.76
CA VAL B 102 3.84 -15.86 -8.86
C VAL B 102 2.56 -16.59 -8.30
N VAL B 103 1.38 -16.11 -8.71
CA VAL B 103 0.13 -16.83 -8.51
C VAL B 103 0.05 -17.97 -9.52
N ALA B 104 0.12 -19.19 -9.03
CA ALA B 104 0.06 -20.37 -9.87
C ALA B 104 -1.35 -20.60 -10.38
N ALA B 105 -1.89 -19.62 -11.11
CA ALA B 105 -3.27 -19.73 -11.67
C ALA B 105 -3.34 -20.77 -12.81
N MET B 106 -2.18 -21.00 -13.40
CA MET B 106 -2.04 -21.84 -14.60
C MET B 106 -2.40 -23.33 -14.31
N GLN B 107 -2.48 -24.14 -15.36
CA GLN B 107 -2.64 -25.61 -15.21
C GLN B 107 -1.30 -26.35 -15.11
N ALA B 108 -1.37 -27.57 -14.59
CA ALA B 108 -0.17 -28.39 -14.29
C ALA B 108 1.00 -28.22 -15.28
N GLU B 109 0.83 -28.76 -16.49
CA GLU B 109 1.92 -28.84 -17.48
C GLU B 109 2.53 -27.48 -17.85
N SER B 110 1.77 -26.40 -17.64
CA SER B 110 2.19 -25.03 -18.06
C SER B 110 3.01 -24.23 -17.02
N LEU B 111 2.98 -24.68 -15.78
CA LEU B 111 3.68 -24.00 -14.68
C LEU B 111 5.15 -23.73 -15.01
N LYS B 112 5.82 -24.70 -15.63
CA LYS B 112 7.27 -24.55 -15.94
C LYS B 112 7.66 -23.25 -16.70
N GLU B 113 6.71 -22.73 -17.47
CA GLU B 113 6.91 -21.53 -18.29
C GLU B 113 6.90 -20.26 -17.46
N PHE B 114 6.24 -20.31 -16.32
CA PHE B 114 6.09 -19.10 -15.50
C PHE B 114 6.75 -19.20 -14.13
N ILE B 115 7.04 -20.41 -13.72
CA ILE B 115 7.60 -20.61 -12.40
C ILE B 115 8.90 -21.31 -12.51
N SER B 116 9.88 -20.74 -11.85
CA SER B 116 11.24 -21.26 -11.82
C SER B 116 11.65 -21.52 -10.37
N GLU B 117 12.54 -22.50 -10.25
CA GLU B 117 13.30 -22.81 -9.04
C GLU B 117 13.63 -21.57 -8.24
N GLY B 118 13.32 -21.56 -6.94
CA GLY B 118 13.62 -20.41 -6.08
C GLY B 118 12.45 -19.39 -5.93
N ASP B 119 11.40 -19.61 -6.73
CA ASP B 119 10.23 -18.70 -6.74
C ASP B 119 9.30 -18.93 -5.54
N ILE B 120 8.40 -17.99 -5.35
CA ILE B 120 7.47 -18.07 -4.26
C ILE B 120 6.13 -18.24 -4.88
N ALA B 121 5.57 -19.45 -4.73
CA ALA B 121 4.33 -19.79 -5.40
C ALA B 121 3.13 -19.74 -4.47
N ILE B 122 2.11 -19.02 -4.93
CA ILE B 122 0.78 -18.91 -4.29
C ILE B 122 -0.18 -19.85 -4.99
N ALA B 123 -0.68 -20.86 -4.28
CA ALA B 123 -1.46 -21.95 -4.93
C ALA B 123 -2.76 -22.22 -4.21
N GLY B 124 -3.68 -22.89 -4.89
CA GLY B 124 -4.92 -23.40 -4.26
C GLY B 124 -4.85 -24.85 -3.77
N ASP B 125 -6.03 -25.45 -3.64
CA ASP B 125 -6.25 -26.76 -3.00
C ASP B 125 -6.13 -27.90 -3.97
N ARG B 126 -5.12 -27.87 -4.82
CA ARG B 126 -4.95 -28.96 -5.78
C ARG B 126 -3.66 -29.71 -5.57
N ALA B 127 -3.78 -30.96 -5.17
CA ALA B 127 -2.61 -31.79 -4.87
C ALA B 127 -1.63 -31.81 -6.04
N GLU B 128 -2.17 -31.93 -7.24
CA GLU B 128 -1.32 -32.08 -8.42
C GLU B 128 -0.46 -30.84 -8.56
N ILE B 129 -1.09 -29.68 -8.45
CA ILE B 129 -0.38 -28.40 -8.61
C ILE B 129 0.68 -28.22 -7.53
N GLN B 130 0.33 -28.53 -6.30
CA GLN B 130 1.26 -28.39 -5.19
C GLN B 130 2.47 -29.28 -5.41
N ALA B 131 2.24 -30.50 -5.92
CA ALA B 131 3.30 -31.48 -6.13
C ALA B 131 4.21 -31.01 -7.23
N GLU B 132 3.61 -30.54 -8.32
CA GLU B 132 4.42 -29.99 -9.41
C GLU B 132 5.19 -28.76 -8.91
N LEU B 133 4.58 -27.92 -8.07
CA LEU B 133 5.33 -26.74 -7.62
C LEU B 133 6.58 -27.25 -6.84
N ILE B 134 6.41 -28.28 -6.05
CA ILE B 134 7.51 -28.84 -5.25
C ILE B 134 8.60 -29.37 -6.19
N GLU B 135 8.18 -30.09 -7.20
CA GLU B 135 9.11 -30.68 -8.19
C GLU B 135 9.91 -29.62 -8.92
N LEU B 136 9.35 -28.43 -9.02
CA LEU B 136 10.02 -27.30 -9.68
C LEU B 136 10.95 -26.54 -8.75
N LYS B 137 10.92 -26.94 -7.47
CA LYS B 137 11.84 -26.44 -6.45
C LYS B 137 11.64 -24.95 -6.13
N VAL B 138 10.37 -24.60 -5.83
CA VAL B 138 10.03 -23.28 -5.35
C VAL B 138 10.72 -23.13 -4.02
N SER B 139 11.02 -21.90 -3.59
CA SER B 139 11.56 -21.68 -2.25
C SER B 139 10.45 -21.66 -1.20
N LEU B 140 9.22 -21.50 -1.64
CA LEU B 140 8.12 -21.23 -0.69
C LEU B 140 6.83 -21.47 -1.42
N LEU B 141 6.06 -22.39 -0.89
CA LEU B 141 4.77 -22.70 -1.45
C LEU B 141 3.79 -22.15 -0.47
N ILE B 142 2.94 -21.26 -0.94
CA ILE B 142 1.92 -20.72 -0.09
C ILE B 142 0.58 -21.21 -0.55
N VAL B 143 -0.14 -21.85 0.37
CA VAL B 143 -1.43 -22.41 0.07
C VAL B 143 -2.53 -21.58 0.72
N THR B 144 -3.58 -21.35 -0.07
CA THR B 144 -4.62 -20.34 0.20
C THR B 144 -5.90 -20.96 0.79
N GLY B 145 -6.86 -20.13 1.13
CA GLY B 145 -8.18 -20.64 1.54
C GLY B 145 -8.21 -21.52 2.78
N GLY B 146 -7.17 -21.49 3.57
CA GLY B 146 -7.14 -22.24 4.82
C GLY B 146 -7.05 -23.73 4.55
N HIS B 147 -6.67 -24.10 3.31
CA HIS B 147 -6.70 -25.52 2.88
C HIS B 147 -5.42 -26.30 3.11
N THR B 148 -5.19 -26.63 4.38
CA THR B 148 -3.98 -27.33 4.78
C THR B 148 -3.75 -28.53 3.84
N PRO B 149 -2.54 -28.66 3.28
CA PRO B 149 -2.14 -29.71 2.34
C PRO B 149 -2.19 -31.08 2.96
N SER B 150 -2.38 -32.08 2.11
CA SER B 150 -2.45 -33.47 2.53
C SER B 150 -1.11 -33.95 3.05
N LYS B 151 -1.15 -34.96 3.93
CA LYS B 151 0.06 -35.61 4.45
C LYS B 151 1.06 -35.92 3.33
N GLU B 152 0.55 -36.39 2.20
CA GLU B 152 1.44 -36.79 1.09
C GLU B 152 2.27 -35.63 0.54
N ILE B 153 1.59 -34.53 0.31
CA ILE B 153 2.23 -33.32 -0.13
C ILE B 153 3.21 -32.87 0.94
N ILE B 154 2.82 -33.05 2.19
CA ILE B 154 3.67 -32.62 3.30
C ILE B 154 4.98 -33.42 3.32
N GLU B 155 4.92 -34.73 3.02
CA GLU B 155 6.11 -35.61 3.08
C GLU B 155 7.02 -35.38 1.87
N LEU B 156 6.38 -35.12 0.73
CA LEU B 156 7.10 -34.65 -0.47
C LEU B 156 7.92 -33.34 -0.14
N ALA B 157 7.32 -32.38 0.57
CA ALA B 157 8.06 -31.14 0.93
C ALA B 157 9.21 -31.46 1.86
N LYS B 158 8.97 -32.47 2.67
CA LYS B 158 9.89 -32.97 3.70
C LYS B 158 11.16 -33.52 3.04
N LYS B 159 10.98 -34.48 2.16
CA LYS B 159 12.11 -35.13 1.48
C LYS B 159 12.94 -34.15 0.63
N ASN B 160 12.30 -33.13 0.09
CA ASN B 160 12.92 -32.20 -0.86
C ASN B 160 13.29 -30.86 -0.25
N ASN B 161 13.09 -30.78 1.05
CA ASN B 161 13.30 -29.55 1.83
C ASN B 161 12.75 -28.27 1.23
N ILE B 162 11.44 -28.24 1.07
CA ILE B 162 10.72 -27.08 0.56
C ILE B 162 9.81 -26.57 1.67
N THR B 163 9.91 -25.26 1.93
CA THR B 163 9.07 -24.59 2.92
C THR B 163 7.64 -24.45 2.42
N VAL B 164 6.67 -24.87 3.21
CA VAL B 164 5.29 -24.86 2.75
C VAL B 164 4.45 -24.31 3.86
N ILE B 165 3.57 -23.37 3.54
CA ILE B 165 2.70 -22.70 4.55
C ILE B 165 1.30 -22.54 4.00
N THR B 166 0.35 -22.38 4.91
CA THR B 166 -1.07 -22.30 4.58
C THR B 166 -1.66 -21.03 5.20
N THR B 167 -2.25 -20.18 4.36
CA THR B 167 -2.92 -18.93 4.82
C THR B 167 -4.43 -19.06 4.65
N PRO B 168 -5.21 -18.45 5.53
CA PRO B 168 -6.67 -18.48 5.40
C PRO B 168 -7.15 -17.62 4.19
N HIS B 169 -6.26 -16.75 3.69
CA HIS B 169 -6.65 -15.76 2.67
C HIS B 169 -6.72 -16.39 1.29
N ASP B 170 -7.53 -15.80 0.43
CA ASP B 170 -7.52 -16.20 -0.97
C ASP B 170 -6.31 -15.59 -1.73
N SER B 171 -6.08 -16.02 -2.95
CA SER B 171 -4.91 -15.53 -3.74
C SER B 171 -4.85 -14.01 -3.93
N PHE B 172 -5.96 -13.36 -4.16
CA PHE B 172 -5.93 -11.91 -4.35
C PHE B 172 -5.39 -11.21 -3.12
N THR B 173 -5.94 -11.64 -1.99
CA THR B 173 -5.66 -11.00 -0.67
C THR B 173 -4.27 -11.32 -0.23
N ALA B 174 -3.84 -12.56 -0.44
CA ALA B 174 -2.45 -12.94 -0.15
C ALA B 174 -1.46 -12.07 -0.93
N SER B 175 -1.77 -11.86 -2.21
CA SER B 175 -0.89 -11.04 -3.10
C SER B 175 -0.80 -9.56 -2.58
N ARG B 176 -1.92 -9.04 -2.04
CA ARG B 176 -1.95 -7.68 -1.47
C ARG B 176 -1.20 -7.60 -0.15
N LEU B 177 -1.15 -8.69 0.56
CA LEU B 177 -0.65 -8.63 1.92
C LEU B 177 0.82 -8.84 1.94
N ILE B 178 1.28 -9.68 1.05
CA ILE B 178 2.63 -10.22 1.17
C ILE B 178 3.66 -9.11 1.28
N VAL B 179 3.41 -7.99 0.62
CA VAL B 179 4.49 -6.99 0.52
C VAL B 179 4.62 -6.25 1.85
N GLN B 180 3.63 -6.39 2.70
CA GLN B 180 3.66 -5.78 4.02
C GLN B 180 4.63 -6.47 4.98
N SER B 181 5.24 -7.55 4.47
CA SER B 181 6.15 -8.40 5.23
C SER B 181 7.55 -7.80 5.38
N LEU B 182 7.93 -6.90 4.51
CA LEU B 182 9.31 -6.44 4.48
C LEU B 182 9.72 -5.85 5.84
N PRO B 183 10.99 -6.04 6.19
CA PRO B 183 11.52 -5.48 7.40
C PRO B 183 11.71 -3.99 7.31
N VAL B 184 11.51 -3.28 8.41
CA VAL B 184 11.61 -1.79 8.35
C VAL B 184 12.95 -1.30 7.82
N ASP B 185 14.01 -2.10 7.99
CA ASP B 185 15.38 -1.60 7.76
C ASP B 185 15.73 -1.51 6.28
N TYR B 186 14.95 -2.21 5.49
CA TYR B 186 15.04 -2.14 4.04
C TYR B 186 14.39 -0.86 3.50
N VAL B 187 13.49 -0.29 4.29
CA VAL B 187 12.63 0.82 3.83
C VAL B 187 13.07 2.16 4.42
N MET B 188 13.60 2.14 5.62
CA MET B 188 13.85 3.36 6.39
C MET B 188 14.99 4.13 5.79
N THR B 189 14.99 5.44 6.01
CA THR B 189 16.17 6.27 5.75
C THR B 189 17.30 5.91 6.73
N LYS B 190 18.50 5.80 6.18
CA LYS B 190 19.72 5.42 6.92
C LYS B 190 20.72 6.54 6.97
N ASP B 191 20.83 7.37 5.94
CA ASP B 191 21.87 8.42 5.89
C ASP B 191 21.38 9.85 6.08
N ASN B 192 22.30 10.68 6.57
CA ASN B 192 22.02 12.10 6.80
C ASN B 192 20.89 12.28 7.79
N LEU B 193 20.87 11.37 8.74
CA LEU B 193 19.91 11.40 9.83
C LEU B 193 20.04 12.70 10.67
N VAL B 194 18.96 13.43 10.85
CA VAL B 194 19.09 14.62 11.67
C VAL B 194 18.50 14.41 13.05
N ALA B 195 19.41 14.34 14.01
CA ALA B 195 19.08 14.12 15.41
C ALA B 195 19.44 15.29 16.32
N VAL B 196 18.90 15.21 17.52
CA VAL B 196 18.97 16.30 18.48
C VAL B 196 19.25 15.74 19.85
N SER B 197 20.23 16.34 20.54
CA SER B 197 20.62 15.96 21.91
C SER B 197 19.68 16.53 22.97
N THR B 198 19.45 15.73 24.00
CA THR B 198 18.70 16.18 25.18
C THR B 198 19.31 17.48 25.72
N ASP B 199 20.57 17.70 25.36
CA ASP B 199 21.37 18.77 25.96
C ASP B 199 21.74 19.88 24.96
N ASP B 200 20.81 20.20 24.08
CA ASP B 200 21.02 21.25 23.08
C ASP B 200 20.16 22.44 23.44
N LEU B 201 20.53 23.59 22.90
CA LEU B 201 19.73 24.79 23.13
C LEU B 201 18.49 24.70 22.27
N VAL B 202 17.35 24.97 22.88
CA VAL B 202 16.09 24.86 22.18
C VAL B 202 16.09 25.88 21.04
N GLU B 203 16.83 26.96 21.23
CA GLU B 203 16.93 28.02 20.22
C GLU B 203 17.80 27.51 19.06
N ASP B 204 18.64 26.52 19.34
CA ASP B 204 19.60 26.01 18.32
C ASP B 204 19.01 24.89 17.50
N VAL B 205 18.03 24.21 18.09
CA VAL B 205 17.32 23.14 17.42
C VAL B 205 16.29 23.80 16.51
N LYS B 206 16.02 25.07 16.79
CA LYS B 206 15.09 25.84 15.98
C LYS B 206 15.70 26.19 14.62
N VAL B 207 16.97 26.60 14.64
CA VAL B 207 17.72 26.85 13.39
C VAL B 207 17.88 25.52 12.64
N THR B 208 18.30 24.49 13.36
CA THR B 208 18.48 23.18 12.74
C THR B 208 17.23 22.77 11.99
N MET B 209 16.11 22.81 12.70
CA MET B 209 14.83 22.32 12.16
C MET B 209 14.32 23.07 10.92
N SER B 210 14.56 24.37 10.88
CA SER B 210 14.07 25.21 9.77
C SER B 210 14.77 24.89 8.45
N GLU B 211 15.85 24.12 8.52
CA GLU B 211 16.65 23.81 7.34
C GLU B 211 16.18 22.51 6.69
N THR B 212 15.18 21.89 7.31
CA THR B 212 14.57 20.65 6.79
C THR B 212 13.04 20.62 6.99
N ARG B 213 12.37 19.70 6.31
CA ARG B 213 10.93 19.58 6.42
C ARG B 213 10.48 18.23 6.98
N TYR B 214 11.25 17.67 7.89
CA TYR B 214 10.93 16.35 8.45
C TYR B 214 9.89 16.42 9.57
N SER B 215 8.95 15.51 9.55
CA SER B 215 7.93 15.47 10.60
C SER B 215 8.54 15.34 11.98
N ASN B 216 9.47 14.42 12.17
CA ASN B 216 10.10 14.23 13.48
C ASN B 216 11.61 14.10 13.46
N TYR B 217 12.21 14.43 14.59
CA TYR B 217 13.66 14.36 14.81
C TYR B 217 13.87 13.53 16.06
N PRO B 218 14.70 12.46 15.95
CA PRO B 218 14.90 11.61 17.10
C PRO B 218 15.77 12.26 18.15
N VAL B 219 15.46 11.97 19.40
CA VAL B 219 16.19 12.51 20.55
C VAL B 219 17.13 11.51 21.16
N ILE B 220 18.38 11.92 21.31
CA ILE B 220 19.38 11.08 21.93
C ILE B 220 19.88 11.72 23.19
N ASP B 221 20.17 10.89 24.18
CA ASP B 221 20.87 11.38 25.39
C ASP B 221 22.40 11.47 25.16
N GLU B 222 23.17 11.82 26.18
CA GLU B 222 24.60 12.03 25.95
C GLU B 222 25.36 10.73 25.89
N ASN B 223 24.63 9.64 25.97
CA ASN B 223 25.21 8.30 25.83
C ASN B 223 24.93 7.71 24.46
N ASN B 224 24.43 8.58 23.58
CA ASN B 224 23.83 8.24 22.25
C ASN B 224 22.77 7.18 22.29
N LYS B 225 21.92 7.24 23.29
CA LYS B 225 20.76 6.37 23.37
C LYS B 225 19.52 7.14 22.94
N VAL B 226 18.66 6.46 22.18
CA VAL B 226 17.40 7.04 21.72
C VAL B 226 16.36 7.03 22.82
N VAL B 227 16.00 8.23 23.27
CA VAL B 227 15.04 8.42 24.35
C VAL B 227 13.66 8.76 23.84
N GLY B 228 13.60 9.17 22.57
CA GLY B 228 12.32 9.55 21.90
C GLY B 228 12.51 10.38 20.64
N SER B 229 11.53 11.21 20.35
CA SER B 229 11.65 12.20 19.27
C SER B 229 10.84 13.47 19.51
N ILE B 230 11.23 14.53 18.85
CA ILE B 230 10.45 15.77 18.91
C ILE B 230 10.15 16.33 17.53
N ALA B 231 9.18 17.23 17.52
CA ALA B 231 8.68 17.84 16.29
C ALA B 231 8.50 19.34 16.46
N ARG B 232 8.33 19.99 15.31
CA ARG B 232 8.07 21.43 15.27
C ARG B 232 6.96 21.75 16.26
N PHE B 233 6.06 20.79 16.39
CA PHE B 233 4.93 20.95 17.29
C PHE B 233 5.41 21.29 18.68
N HIS B 234 6.41 20.56 19.11
CA HIS B 234 6.90 20.72 20.47
C HIS B 234 7.58 22.09 20.56
P AMP C . -1.60 14.21 8.73
O1P AMP C . -1.05 14.97 9.88
O2P AMP C . -1.63 15.09 7.53
O3P AMP C . -0.94 12.86 8.51
O5' AMP C . -3.20 13.91 8.98
C5' AMP C . -3.70 13.02 10.01
C4' AMP C . -5.18 12.72 9.77
O4' AMP C . -5.93 13.95 9.77
C3' AMP C . -5.45 12.19 8.37
O3' AMP C . -6.65 11.41 8.35
C2' AMP C . -5.65 13.41 7.50
O2' AMP C . -6.51 13.16 6.39
C1' AMP C . -6.37 14.35 8.46
N9 AMP C . -6.02 15.78 8.28
C8 AMP C . -4.90 16.22 7.70
N7 AMP C . -4.83 17.56 7.67
C5 AMP C . -5.97 18.00 8.24
C6 AMP C . -6.54 19.32 8.54
N6 AMP C . -5.84 20.41 8.19
N1 AMP C . -7.76 19.40 9.16
C2 AMP C . -8.42 18.26 9.48
N3 AMP C . -7.96 17.02 9.24
C4 AMP C . -6.75 16.82 8.67
P AMP D . 8.90 12.68 6.46
O1P AMP D . 9.07 14.16 6.41
O2P AMP D . 8.91 12.17 7.86
O3P AMP D . 7.71 12.14 5.69
O5' AMP D . 10.23 12.08 5.79
C5' AMP D . 10.68 12.41 4.47
C4' AMP D . 11.93 11.59 4.16
O4' AMP D . 13.03 11.97 5.01
C3' AMP D . 11.68 10.10 4.42
O3' AMP D . 12.49 9.23 3.61
C2' AMP D . 12.19 9.89 5.82
O2' AMP D . 12.60 8.52 6.08
C1' AMP D . 13.35 10.90 5.90
N9 AMP D . 13.43 11.40 7.28
C8 AMP D . 12.40 11.44 8.14
N7 AMP D . 12.76 11.96 9.34
C5 AMP D . 14.06 12.25 9.23
C6 AMP D . 15.06 12.81 10.15
N6 AMP D . 14.72 13.18 11.41
N1 AMP D . 16.31 12.95 9.68
C2 AMP D . 16.64 12.59 8.42
N3 AMP D . 15.79 12.08 7.54
C4 AMP D . 14.51 11.88 7.89
#